data_1VL1
#
_entry.id   1VL1
#
_cell.length_a   37.733
_cell.length_b   75.146
_cell.length_c   148.443
_cell.angle_alpha   90.00
_cell.angle_beta   90.00
_cell.angle_gamma   90.00
#
_symmetry.space_group_name_H-M   'C 2 2 21'
#
loop_
_entity.id
_entity.type
_entity.pdbx_description
1 polymer 6-phosphogluconolactonase
2 non-polymer 'CITRIC ACID'
3 water water
#
_entity_poly.entity_id   1
_entity_poly.type   'polypeptide(L)'
_entity_poly.pdbx_seq_one_letter_code
;MGSDKIHHHHHHMEKTVIYLLEDGYVDFVVEKIRTKMEKLLEEKDKIFVVLAGGRTPLPVYEKLAEQKFPWNRIHFFLSD
ERYVPLDSDQSNFRNINEVLFSRAKIPSGNVHYVDTSLPIEKACEKYEREIRSATDQFDLAILGMGPDGHVASIFDLETG
NKDNLVTFTDPSGDPKVPRVTLTFRALNTSLYVLFLIRGKEKINRLTEILKDTPLPAYFVRGKEKTVWFVGK
;
_entity_poly.pdbx_strand_id   A
#
loop_
_chem_comp.id
_chem_comp.type
_chem_comp.name
_chem_comp.formula
CIT non-polymer 'CITRIC ACID' 'C6 H8 O7'
#
# COMPACT_ATOMS: atom_id res chain seq x y z
N LYS A 15 13.36 10.83 8.70
CA LYS A 15 13.36 11.93 7.71
C LYS A 15 12.51 11.51 6.50
N THR A 16 12.35 12.45 5.57
CA THR A 16 11.64 12.22 4.32
C THR A 16 12.64 12.46 3.19
N VAL A 17 12.60 11.59 2.18
CA VAL A 17 13.40 11.76 0.96
C VAL A 17 12.42 11.78 -0.23
N ILE A 18 12.61 12.75 -1.14
CA ILE A 18 11.84 12.85 -2.36
C ILE A 18 12.78 12.76 -3.57
N TYR A 19 12.51 11.77 -4.45
CA TYR A 19 13.20 11.59 -5.71
C TYR A 19 12.32 12.15 -6.79
N LEU A 20 12.85 13.06 -7.60
CA LEU A 20 12.15 13.65 -8.72
C LEU A 20 12.77 13.04 -9.97
N LEU A 21 11.95 12.31 -10.73
CA LEU A 21 12.37 11.51 -11.85
C LEU A 21 11.71 12.01 -13.14
N GLU A 22 12.49 12.04 -14.19
CA GLU A 22 12.11 12.59 -15.49
C GLU A 22 11.96 11.50 -16.55
N ASP A 23 12.57 10.35 -16.28
CA ASP A 23 12.74 9.30 -17.24
C ASP A 23 13.08 7.99 -16.51
N GLY A 24 12.66 6.86 -17.04
CA GLY A 24 12.93 5.57 -16.40
C GLY A 24 12.29 5.38 -15.02
N TYR A 25 11.07 5.88 -14.87
CA TYR A 25 10.42 5.91 -13.55
C TYR A 25 10.30 4.50 -12.98
N VAL A 26 9.61 3.63 -13.71
CA VAL A 26 9.34 2.32 -13.20
C VAL A 26 10.63 1.56 -12.87
N ASP A 27 11.59 1.56 -13.80
CA ASP A 27 12.86 0.87 -13.56
C ASP A 27 13.57 1.39 -12.31
N PHE A 28 13.56 2.70 -12.11
CA PHE A 28 14.24 3.27 -10.94
C PHE A 28 13.55 2.83 -9.66
N VAL A 29 12.23 2.96 -9.63
CA VAL A 29 11.49 2.52 -8.46
C VAL A 29 11.71 1.03 -8.13
N VAL A 30 11.62 0.20 -9.15
CA VAL A 30 11.77 -1.23 -8.92
C VAL A 30 13.16 -1.52 -8.33
N GLU A 31 14.19 -0.89 -8.86
CA GLU A 31 15.57 -1.07 -8.37
C GLU A 31 15.71 -0.64 -6.89
N LYS A 32 15.12 0.49 -6.53
CA LYS A 32 15.13 0.94 -5.13
C LYS A 32 14.40 -0.02 -4.22
N ILE A 33 13.24 -0.51 -4.66
CA ILE A 33 12.48 -1.48 -3.88
C ILE A 33 13.24 -2.79 -3.78
N ARG A 34 13.78 -3.24 -4.88
CA ARG A 34 14.58 -4.46 -4.85
C ARG A 34 15.67 -4.38 -3.81
N THR A 35 16.43 -3.27 -3.85
CA THR A 35 17.57 -3.09 -2.95
C THR A 35 17.15 -3.13 -1.49
N LYS A 36 16.03 -2.47 -1.20
CA LYS A 36 15.52 -2.41 0.17
C LYS A 36 15.06 -3.75 0.66
N MET A 37 14.32 -4.47 -0.19
CA MET A 37 13.81 -5.78 0.15
C MET A 37 14.97 -6.74 0.37
N GLU A 38 15.97 -6.67 -0.48
CA GLU A 38 17.14 -7.52 -0.30
C GLU A 38 17.91 -7.20 0.99
N LYS A 39 18.04 -5.93 1.32
CA LYS A 39 18.62 -5.55 2.62
C LYS A 39 17.81 -6.12 3.80
N LEU A 40 16.49 -6.02 3.71
CA LEU A 40 15.62 -6.48 4.79
C LEU A 40 15.85 -7.97 4.99
N LEU A 41 15.92 -8.71 3.88
CA LEU A 41 16.13 -10.16 3.94
C LEU A 41 17.50 -10.60 4.40
N GLU A 42 18.51 -9.73 4.39
CA GLU A 42 19.80 -10.06 4.99
C GLU A 42 19.68 -10.08 6.52
N GLU A 43 18.74 -9.29 7.03
CA GLU A 43 18.58 -9.06 8.46
C GLU A 43 17.55 -9.98 9.11
N LYS A 44 16.51 -10.35 8.35
CA LYS A 44 15.32 -11.01 8.87
C LYS A 44 14.89 -12.17 8.02
N ASP A 45 14.39 -13.20 8.66
CA ASP A 45 13.96 -14.41 7.97
C ASP A 45 12.72 -14.11 7.13
N LYS A 46 11.78 -13.36 7.69
CA LYS A 46 10.53 -13.05 6.99
C LYS A 46 10.37 -11.54 6.93
N ILE A 47 9.86 -11.04 5.83
CA ILE A 47 9.55 -9.62 5.76
C ILE A 47 8.08 -9.43 5.44
N PHE A 48 7.54 -8.26 5.84
CA PHE A 48 6.13 -7.99 5.74
C PHE A 48 5.94 -6.69 4.98
N VAL A 49 5.25 -6.81 3.86
CA VAL A 49 5.08 -5.72 2.88
C VAL A 49 3.60 -5.38 2.61
N VAL A 50 3.24 -4.10 2.81
CA VAL A 50 1.90 -3.56 2.53
C VAL A 50 1.91 -2.99 1.10
N LEU A 51 0.88 -3.34 0.32
CA LEU A 51 0.75 -2.88 -1.08
C LEU A 51 -0.56 -2.14 -1.31
N ALA A 52 -0.48 -0.94 -1.91
CA ALA A 52 -1.63 -0.24 -2.46
C ALA A 52 -1.91 -0.78 -3.85
N GLY A 53 -3.15 -0.68 -4.28
CA GLY A 53 -3.46 -0.86 -5.69
C GLY A 53 -3.29 0.46 -6.46
N GLY A 54 -3.94 0.55 -7.60
CA GLY A 54 -3.98 1.77 -8.38
C GLY A 54 -3.01 1.83 -9.52
N ARG A 55 -3.17 2.87 -10.30
CA ARG A 55 -2.52 2.92 -11.61
C ARG A 55 -1.03 3.06 -11.54
N THR A 56 -0.51 3.67 -10.48
CA THR A 56 0.94 3.80 -10.41
C THR A 56 1.70 2.60 -9.85
N PRO A 57 1.31 2.03 -8.72
CA PRO A 57 1.98 0.84 -8.20
C PRO A 57 1.92 -0.40 -9.11
N LEU A 58 0.82 -0.61 -9.82
CA LEU A 58 0.64 -1.88 -10.52
C LEU A 58 1.77 -2.18 -11.52
N PRO A 59 2.18 -1.24 -12.37
CA PRO A 59 3.29 -1.50 -13.27
C PRO A 59 4.58 -1.80 -12.53
N VAL A 60 4.78 -1.16 -11.38
CA VAL A 60 5.94 -1.50 -10.55
C VAL A 60 5.90 -2.93 -10.04
N TYR A 61 4.74 -3.37 -9.56
CA TYR A 61 4.59 -4.76 -9.10
C TYR A 61 4.84 -5.74 -10.22
N GLU A 62 4.39 -5.38 -11.42
CA GLU A 62 4.51 -6.26 -12.58
C GLU A 62 5.99 -6.60 -12.86
N LYS A 63 6.87 -5.61 -12.69
CA LYS A 63 8.33 -5.83 -12.86
C LYS A 63 8.92 -6.48 -11.62
N LEU A 64 8.46 -6.12 -10.42
CA LEU A 64 8.95 -6.78 -9.18
C LEU A 64 8.70 -8.27 -9.22
N ALA A 65 7.57 -8.67 -9.79
CA ALA A 65 7.21 -10.09 -9.89
C ALA A 65 8.21 -10.91 -10.65
N GLU A 66 9.00 -10.24 -11.48
CA GLU A 66 9.99 -10.89 -12.32
C GLU A 66 11.36 -11.04 -11.62
N GLN A 67 11.52 -10.45 -10.44
CA GLN A 67 12.82 -10.49 -9.76
C GLN A 67 12.97 -11.85 -9.07
N LYS A 68 14.20 -12.32 -8.89
CA LYS A 68 14.47 -13.58 -8.19
C LYS A 68 14.61 -13.24 -6.70
N PHE A 69 13.47 -13.22 -6.03
CA PHE A 69 13.37 -13.15 -4.56
C PHE A 69 13.04 -14.53 -4.02
N PRO A 70 13.37 -14.77 -2.74
CA PRO A 70 12.88 -15.95 -2.09
C PRO A 70 11.46 -15.66 -1.61
N TRP A 71 10.48 -15.87 -2.49
CA TRP A 71 9.12 -15.40 -2.22
C TRP A 71 8.49 -16.00 -1.01
N ASN A 72 8.85 -17.22 -0.66
CA ASN A 72 8.37 -17.81 0.59
C ASN A 72 8.71 -17.04 1.84
N ARG A 73 9.67 -16.12 1.77
CA ARG A 73 10.07 -15.31 2.95
C ARG A 73 9.39 -13.95 2.91
N ILE A 74 8.57 -13.70 1.90
CA ILE A 74 7.94 -12.38 1.79
C ILE A 74 6.44 -12.47 1.95
N HIS A 75 5.91 -11.73 2.93
CA HIS A 75 4.43 -11.70 3.19
C HIS A 75 3.83 -10.40 2.74
N PHE A 76 2.70 -10.48 2.02
CA PHE A 76 2.12 -9.29 1.42
C PHE A 76 0.71 -9.00 2.01
N PHE A 77 0.40 -7.72 2.17
CA PHE A 77 -0.87 -7.28 2.70
C PHE A 77 -1.42 -6.18 1.85
N LEU A 78 -2.68 -6.18 1.48
CA LEU A 78 -3.26 -4.99 0.85
C LEU A 78 -3.41 -3.82 1.81
N SER A 79 -3.22 -2.59 1.34
CA SER A 79 -3.41 -1.42 2.19
C SER A 79 -4.92 -1.14 2.36
N ASP A 80 -5.71 -1.55 1.39
CA ASP A 80 -7.12 -1.28 1.38
C ASP A 80 -7.79 -2.10 0.28
N GLU A 81 -9.10 -2.15 0.35
CA GLU A 81 -9.85 -2.86 -0.67
C GLU A 81 -11.21 -2.18 -0.87
N ARG A 82 -11.62 -2.15 -2.13
CA ARG A 82 -12.95 -1.73 -2.51
C ARG A 82 -13.92 -2.84 -2.16
N TYR A 83 -15.08 -2.48 -1.59
CA TYR A 83 -16.05 -3.47 -1.09
C TYR A 83 -16.93 -3.88 -2.28
N VAL A 84 -16.30 -4.69 -3.11
CA VAL A 84 -16.86 -5.28 -4.29
C VAL A 84 -16.31 -6.69 -4.41
N PRO A 85 -16.93 -7.50 -5.25
CA PRO A 85 -16.43 -8.88 -5.42
C PRO A 85 -14.96 -8.92 -5.81
N LEU A 86 -14.22 -9.92 -5.35
CA LEU A 86 -12.79 -10.03 -5.57
C LEU A 86 -12.39 -10.30 -7.03
N ASP A 87 -13.34 -10.67 -7.87
CA ASP A 87 -13.07 -10.81 -9.31
C ASP A 87 -13.56 -9.61 -10.11
N SER A 88 -13.89 -8.54 -9.41
CA SER A 88 -14.29 -7.30 -10.09
C SER A 88 -13.05 -6.58 -10.59
N ASP A 89 -13.12 -5.94 -11.75
CA ASP A 89 -11.93 -5.14 -12.19
C ASP A 89 -11.63 -3.94 -11.27
N GLN A 90 -12.55 -3.64 -10.35
CA GLN A 90 -12.39 -2.59 -9.34
C GLN A 90 -11.74 -3.10 -8.03
N SER A 91 -11.43 -4.40 -7.98
CA SER A 91 -10.89 -5.01 -6.76
C SER A 91 -9.39 -4.81 -6.83
N ASN A 92 -8.81 -4.34 -5.75
CA ASN A 92 -7.37 -4.29 -5.62
C ASN A 92 -6.79 -5.69 -5.63
N PHE A 93 -7.44 -6.63 -4.96
CA PHE A 93 -6.95 -8.02 -5.00
C PHE A 93 -6.80 -8.52 -6.43
N ARG A 94 -7.84 -8.37 -7.23
CA ARG A 94 -7.80 -8.89 -8.60
C ARG A 94 -6.61 -8.29 -9.34
N ASN A 95 -6.47 -6.98 -9.20
CA ASN A 95 -5.44 -6.27 -9.99
C ASN A 95 -4.04 -6.60 -9.55
N ILE A 96 -3.81 -6.67 -8.24
CA ILE A 96 -2.50 -7.09 -7.74
C ILE A 96 -2.26 -8.59 -7.95
N ASN A 97 -3.31 -9.40 -7.89
CA ASN A 97 -3.18 -10.82 -8.27
C ASN A 97 -2.72 -11.00 -9.71
N GLU A 98 -3.27 -10.19 -10.60
CA GLU A 98 -2.94 -10.26 -12.03
C GLU A 98 -1.45 -9.96 -12.31
N VAL A 99 -0.92 -8.93 -11.66
CA VAL A 99 0.46 -8.47 -11.92
C VAL A 99 1.51 -9.13 -11.04
N LEU A 100 1.12 -9.60 -9.87
CA LEU A 100 2.09 -10.10 -8.91
C LEU A 100 1.76 -11.45 -8.32
N PHE A 101 0.63 -11.56 -7.62
CA PHE A 101 0.40 -12.78 -6.83
C PHE A 101 0.28 -14.04 -7.67
N SER A 102 -0.19 -13.88 -8.90
CA SER A 102 -0.39 -15.02 -9.81
C SER A 102 0.82 -15.17 -10.74
N ARG A 103 1.78 -14.21 -10.69
CA ARG A 103 2.94 -14.23 -11.57
C ARG A 103 4.22 -14.66 -10.88
N ALA A 104 4.48 -14.17 -9.70
CA ALA A 104 5.53 -14.73 -8.86
C ALA A 104 5.00 -15.92 -8.08
N LYS A 105 5.85 -16.89 -7.80
CA LYS A 105 5.41 -18.08 -7.05
C LYS A 105 5.48 -17.81 -5.53
N ILE A 106 4.56 -16.96 -5.09
CA ILE A 106 4.42 -16.63 -3.69
C ILE A 106 3.44 -17.61 -3.07
N PRO A 107 3.86 -18.28 -1.98
CA PRO A 107 2.96 -19.19 -1.26
C PRO A 107 1.62 -18.54 -0.93
N SER A 108 0.54 -19.29 -1.10
CA SER A 108 -0.81 -18.75 -0.79
C SER A 108 -0.93 -18.14 0.61
N GLY A 109 -0.34 -18.84 1.57
CA GLY A 109 -0.34 -18.45 2.98
C GLY A 109 0.35 -17.11 3.26
N ASN A 110 1.15 -16.65 2.29
CA ASN A 110 1.87 -15.37 2.43
C ASN A 110 1.12 -14.20 1.91
N VAL A 111 -0.08 -14.41 1.34
CA VAL A 111 -0.79 -13.32 0.72
C VAL A 111 -2.03 -13.06 1.55
N HIS A 112 -2.20 -11.81 1.94
CA HIS A 112 -3.25 -11.43 2.82
C HIS A 112 -4.08 -10.31 2.23
N TYR A 113 -5.40 -10.50 2.18
CA TYR A 113 -6.29 -9.59 1.55
C TYR A 113 -7.62 -9.51 2.28
N VAL A 114 -8.46 -8.59 1.85
CA VAL A 114 -9.75 -8.36 2.49
C VAL A 114 -10.79 -9.30 1.84
N ASP A 115 -11.50 -10.03 2.69
CA ASP A 115 -12.50 -11.01 2.23
C ASP A 115 -13.82 -10.30 2.11
N THR A 116 -14.04 -9.68 0.94
CA THR A 116 -15.26 -8.89 0.71
C THR A 116 -16.56 -9.67 0.54
N SER A 117 -16.48 -11.00 0.66
CA SER A 117 -17.67 -11.82 0.67
C SER A 117 -18.41 -11.76 1.99
N LEU A 118 -17.68 -11.34 3.03
CA LEU A 118 -18.25 -11.14 4.38
C LEU A 118 -18.91 -9.76 4.52
N PRO A 119 -19.83 -9.62 5.47
CA PRO A 119 -20.35 -8.29 5.77
C PRO A 119 -19.18 -7.36 6.11
N ILE A 120 -19.25 -6.10 5.73
CA ILE A 120 -18.06 -5.28 5.74
C ILE A 120 -17.35 -5.20 7.08
N GLU A 121 -18.13 -5.12 8.18
CA GLU A 121 -17.48 -5.09 9.51
C GLU A 121 -16.71 -6.38 9.77
N LYS A 122 -17.29 -7.49 9.35
CA LYS A 122 -16.67 -8.80 9.60
C LYS A 122 -15.40 -8.92 8.72
N ALA A 123 -15.49 -8.41 7.48
CA ALA A 123 -14.31 -8.40 6.61
C ALA A 123 -13.17 -7.62 7.26
N CYS A 124 -13.50 -6.49 7.86
CA CYS A 124 -12.49 -5.69 8.60
CA CYS A 124 -12.57 -5.69 8.59
C CYS A 124 -11.86 -6.45 9.75
N GLU A 125 -12.68 -7.09 10.58
CA GLU A 125 -12.23 -7.71 11.80
C GLU A 125 -11.40 -8.93 11.48
N LYS A 126 -11.82 -9.68 10.44
CA LYS A 126 -11.08 -10.83 9.96
C LYS A 126 -9.69 -10.38 9.49
N TYR A 127 -9.63 -9.31 8.72
CA TYR A 127 -8.35 -8.86 8.18
C TYR A 127 -7.49 -8.34 9.30
N GLU A 128 -8.09 -7.62 10.24
CA GLU A 128 -7.33 -7.14 11.41
C GLU A 128 -6.69 -8.31 12.20
N ARG A 129 -7.48 -9.32 12.46
CA ARG A 129 -6.98 -10.53 13.13
C ARG A 129 -5.81 -11.16 12.36
N GLU A 130 -5.92 -11.21 11.02
CA GLU A 130 -4.89 -11.85 10.22
C GLU A 130 -3.59 -11.06 10.29
N ILE A 131 -3.69 -9.74 10.17
CA ILE A 131 -2.51 -8.90 10.27
C ILE A 131 -1.80 -9.08 11.62
N ARG A 132 -2.58 -8.99 12.71
CA ARG A 132 -2.03 -9.15 14.04
C ARG A 132 -1.30 -10.49 14.21
N SER A 133 -1.90 -11.53 13.67
CA SER A 133 -1.32 -12.83 13.74
C SER A 133 0.03 -12.93 12.98
N ALA A 134 0.11 -12.21 11.88
CA ALA A 134 1.32 -12.26 11.03
C ALA A 134 2.50 -11.49 11.62
N THR A 135 2.23 -10.28 12.09
CA THR A 135 3.31 -9.40 12.53
C THR A 135 2.78 -8.25 13.40
N ASP A 136 3.65 -7.65 14.22
CA ASP A 136 3.30 -6.38 14.90
C ASP A 136 3.85 -5.13 14.20
N GLN A 137 4.54 -5.36 13.08
CA GLN A 137 5.28 -4.32 12.40
C GLN A 137 5.44 -4.65 10.92
N PHE A 138 5.00 -3.78 10.03
CA PHE A 138 5.35 -3.93 8.62
C PHE A 138 6.77 -3.42 8.40
N ASP A 139 7.46 -4.05 7.50
CA ASP A 139 8.82 -3.62 7.10
C ASP A 139 8.74 -2.52 6.03
N LEU A 140 7.78 -2.65 5.13
CA LEU A 140 7.71 -1.79 3.98
C LEU A 140 6.28 -1.59 3.55
N ALA A 141 5.89 -0.35 3.24
CA ALA A 141 4.60 -0.07 2.71
C ALA A 141 4.83 0.65 1.38
N ILE A 142 4.24 0.13 0.32
CA ILE A 142 4.31 0.71 -1.03
C ILE A 142 2.93 1.27 -1.36
N LEU A 143 2.86 2.61 -1.31
CA LEU A 143 1.60 3.29 -1.35
C LEU A 143 1.51 4.23 -2.50
N GLY A 144 0.28 4.42 -3.01
CA GLY A 144 -0.05 5.53 -3.91
C GLY A 144 -0.67 6.70 -3.19
N MET A 145 -0.96 7.75 -3.93
CA MET A 145 -1.75 8.85 -3.39
C MET A 145 -2.63 9.36 -4.50
N GLY A 146 -3.88 9.60 -4.20
CA GLY A 146 -4.80 10.11 -5.14
C GLY A 146 -4.54 11.55 -5.45
N PRO A 147 -5.14 12.07 -6.52
CA PRO A 147 -5.04 13.49 -6.86
C PRO A 147 -5.76 14.43 -5.89
N ASP A 148 -6.47 13.84 -4.93
CA ASP A 148 -7.04 14.55 -3.78
C ASP A 148 -6.21 14.45 -2.49
N GLY A 149 -5.06 13.75 -2.52
CA GLY A 149 -4.28 13.60 -1.35
C GLY A 149 -4.60 12.38 -0.51
N HIS A 150 -5.56 11.54 -0.97
CA HIS A 150 -5.94 10.39 -0.19
C HIS A 150 -4.86 9.28 -0.27
N VAL A 151 -4.80 8.44 0.75
CA VAL A 151 -3.86 7.32 0.81
C VAL A 151 -4.60 6.07 1.25
N ALA A 152 -4.23 4.92 0.70
CA ALA A 152 -4.96 3.71 0.98
C ALA A 152 -6.43 3.98 0.56
N SER A 153 -7.40 3.68 1.41
CA SER A 153 -8.77 4.18 1.21
C SER A 153 -9.15 5.12 2.37
N ILE A 154 -8.15 5.86 2.85
CA ILE A 154 -8.39 6.93 3.81
C ILE A 154 -8.63 8.26 3.05
N PHE A 155 -9.88 8.69 3.02
CA PHE A 155 -10.32 9.89 2.33
C PHE A 155 -10.58 11.02 3.33
N ASP A 156 -10.88 10.65 4.56
CA ASP A 156 -11.24 11.53 5.68
C ASP A 156 -10.30 11.27 6.87
N LEU A 157 -9.98 12.31 7.63
CA LEU A 157 -9.10 12.09 8.75
C LEU A 157 -9.69 11.20 9.84
N GLU A 158 -11.00 11.27 10.05
CA GLU A 158 -11.64 10.43 11.04
C GLU A 158 -11.33 8.98 10.75
N THR A 159 -11.44 8.60 9.47
CA THR A 159 -11.13 7.21 9.05
C THR A 159 -9.70 6.85 9.42
N GLY A 160 -8.78 7.73 9.06
CA GLY A 160 -7.39 7.42 9.31
C GLY A 160 -7.09 7.37 10.79
N ASN A 161 -7.81 8.15 11.59
CA ASN A 161 -7.55 8.23 13.01
C ASN A 161 -8.24 7.16 13.84
N LYS A 162 -8.97 6.27 13.20
CA LYS A 162 -9.75 5.27 13.93
C LYS A 162 -8.81 4.46 14.77
N ASP A 163 -9.25 4.19 15.97
CA ASP A 163 -8.50 3.40 16.87
C ASP A 163 -8.69 1.88 16.65
N ASN A 164 -8.24 1.43 15.49
CA ASN A 164 -8.24 0.04 15.06
C ASN A 164 -7.07 -0.04 14.08
N LEU A 165 -6.64 -1.24 13.69
CA LEU A 165 -5.73 -1.39 12.57
C LEU A 165 -6.45 -1.33 11.21
N VAL A 166 -7.71 -1.75 11.18
CA VAL A 166 -8.47 -1.84 9.95
C VAL A 166 -9.83 -1.26 10.25
N THR A 167 -10.31 -0.39 9.37
CA THR A 167 -11.65 0.14 9.49
C THR A 167 -12.37 0.14 8.15
N PHE A 168 -13.58 0.67 8.09
CA PHE A 168 -14.30 0.74 6.82
C PHE A 168 -14.95 2.13 6.64
N THR A 169 -15.36 2.47 5.41
CA THR A 169 -15.84 3.81 5.08
C THR A 169 -17.26 3.70 4.54
N ASP A 170 -17.95 4.82 4.50
CA ASP A 170 -19.13 4.94 3.66
C ASP A 170 -18.69 4.99 2.18
N PRO A 171 -19.60 4.85 1.21
CA PRO A 171 -19.24 5.07 -0.20
C PRO A 171 -18.36 6.34 -0.37
N SER A 172 -17.15 6.14 -0.87
CA SER A 172 -16.14 7.20 -1.00
C SER A 172 -15.25 6.91 -2.23
N GLY A 173 -14.64 7.98 -2.74
CA GLY A 173 -13.69 7.92 -3.80
C GLY A 173 -14.36 7.59 -5.12
N ASP A 174 -13.56 7.12 -6.06
CA ASP A 174 -14.05 6.70 -7.37
C ASP A 174 -13.35 5.37 -7.72
N PRO A 175 -14.10 4.27 -7.93
CA PRO A 175 -15.54 4.23 -7.87
C PRO A 175 -16.07 4.55 -6.45
N LYS A 176 -17.28 5.12 -6.37
CA LYS A 176 -17.81 5.51 -5.08
C LYS A 176 -18.52 4.32 -4.42
N VAL A 177 -17.72 3.57 -3.70
CA VAL A 177 -18.10 2.32 -3.04
C VAL A 177 -17.52 2.32 -1.65
N PRO A 178 -18.13 1.59 -0.73
CA PRO A 178 -17.55 1.45 0.59
C PRO A 178 -16.20 0.80 0.47
N ARG A 179 -15.32 1.13 1.40
CA ARG A 179 -13.95 0.64 1.39
C ARG A 179 -13.57 0.06 2.76
N VAL A 180 -12.64 -0.90 2.74
CA VAL A 180 -11.99 -1.43 3.92
C VAL A 180 -10.55 -0.91 3.84
N THR A 181 -10.05 -0.32 4.91
CA THR A 181 -8.72 0.24 4.84
C THR A 181 -7.92 0.07 6.10
N LEU A 182 -6.60 -0.10 5.95
CA LEU A 182 -5.75 0.12 7.07
C LEU A 182 -5.85 1.56 7.46
N THR A 183 -5.63 1.80 8.77
CA THR A 183 -5.69 3.18 9.38
C THR A 183 -4.30 3.77 9.45
N PHE A 184 -4.22 5.06 9.81
CA PHE A 184 -2.92 5.63 10.10
C PHE A 184 -2.09 4.79 11.09
N ARG A 185 -2.73 4.32 12.16
CA ARG A 185 -2.06 3.47 13.15
C ARG A 185 -1.35 2.28 12.53
N ALA A 186 -2.05 1.56 11.65
CA ALA A 186 -1.52 0.35 11.02
C ALA A 186 -0.39 0.73 10.07
N LEU A 187 -0.66 1.74 9.24
CA LEU A 187 0.34 2.15 8.22
C LEU A 187 1.62 2.64 8.87
N ASN A 188 1.45 3.38 9.96
CA ASN A 188 2.58 3.98 10.66
C ASN A 188 3.43 3.01 11.50
N THR A 189 3.05 1.72 11.57
CA THR A 189 3.97 0.72 12.10
C THR A 189 5.05 0.33 11.08
N SER A 190 4.91 0.76 9.83
CA SER A 190 5.88 0.41 8.80
C SER A 190 7.22 1.10 9.02
N LEU A 191 8.32 0.35 8.95
CA LEU A 191 9.66 0.91 9.06
C LEU A 191 9.91 1.91 7.90
N TYR A 192 9.52 1.51 6.69
CA TYR A 192 9.72 2.33 5.49
C TYR A 192 8.41 2.50 4.77
N VAL A 193 8.06 3.74 4.44
CA VAL A 193 6.90 4.01 3.68
C VAL A 193 7.39 4.66 2.36
N LEU A 194 6.96 4.06 1.26
CA LEU A 194 7.27 4.54 -0.08
C LEU A 194 5.99 5.02 -0.73
N PHE A 195 5.98 6.25 -1.24
CA PHE A 195 4.84 6.74 -2.02
C PHE A 195 5.27 6.78 -3.49
N LEU A 196 4.38 6.35 -4.39
CA LEU A 196 4.66 6.31 -5.82
C LEU A 196 3.64 7.18 -6.50
N ILE A 197 4.06 8.34 -7.01
CA ILE A 197 3.16 9.31 -7.59
C ILE A 197 3.73 9.83 -8.88
N ARG A 198 2.85 10.24 -9.80
CA ARG A 198 3.27 10.80 -11.07
C ARG A 198 2.34 11.91 -11.49
N GLY A 199 2.91 12.95 -12.09
CA GLY A 199 2.15 13.97 -12.76
C GLY A 199 1.91 15.22 -11.93
N LYS A 200 1.46 16.26 -12.64
CA LYS A 200 1.37 17.62 -12.08
C LYS A 200 0.40 17.73 -10.93
N GLU A 201 -0.76 17.09 -11.03
CA GLU A 201 -1.74 17.23 -9.95
C GLU A 201 -1.27 16.66 -8.64
N LYS A 202 -0.63 15.48 -8.70
CA LYS A 202 -0.14 14.85 -7.49
C LYS A 202 1.08 15.60 -6.95
N ILE A 203 1.91 16.13 -7.85
CA ILE A 203 2.99 17.04 -7.41
C ILE A 203 2.39 18.24 -6.65
N ASN A 204 1.29 18.77 -7.13
CA ASN A 204 0.64 19.89 -6.46
C ASN A 204 0.27 19.46 -5.05
N ARG A 205 -0.34 18.27 -4.94
CA ARG A 205 -0.72 17.78 -3.61
C ARG A 205 0.51 17.57 -2.72
N LEU A 206 1.59 17.02 -3.28
CA LEU A 206 2.82 16.90 -2.51
C LEU A 206 3.35 18.24 -2.06
N THR A 207 3.27 19.28 -2.90
CA THR A 207 3.71 20.60 -2.40
C THR A 207 2.87 21.12 -1.23
N GLU A 208 1.57 20.82 -1.25
CA GLU A 208 0.70 21.16 -0.15
C GLU A 208 1.11 20.42 1.13
N ILE A 209 1.48 19.15 1.00
CA ILE A 209 2.00 18.33 2.11
C ILE A 209 3.28 18.93 2.69
N LEU A 210 4.16 19.40 1.81
CA LEU A 210 5.38 20.10 2.26
C LEU A 210 5.10 21.40 3.03
N LYS A 211 3.93 21.99 2.81
CA LYS A 211 3.54 23.17 3.53
C LYS A 211 2.53 22.84 4.65
N ASP A 212 2.55 21.59 5.10
CA ASP A 212 1.79 21.09 6.27
C ASP A 212 0.27 21.12 6.08
N THR A 213 -0.19 20.96 4.84
CA THR A 213 -1.61 20.79 4.59
C THR A 213 -1.99 19.37 5.02
N PRO A 214 -3.01 19.22 5.87
CA PRO A 214 -3.35 17.93 6.47
C PRO A 214 -4.15 16.99 5.55
N LEU A 215 -3.70 16.81 4.33
CA LEU A 215 -4.26 15.77 3.45
C LEU A 215 -3.95 14.43 4.10
N PRO A 216 -4.76 13.40 3.83
CA PRO A 216 -4.49 12.09 4.46
C PRO A 216 -3.02 11.62 4.37
N ALA A 217 -2.44 11.74 3.17
CA ALA A 217 -1.07 11.29 2.98
C ALA A 217 -0.08 11.98 3.88
N TYR A 218 -0.39 13.19 4.30
CA TYR A 218 0.50 13.94 5.24
C TYR A 218 0.76 13.16 6.51
N PHE A 219 -0.18 12.30 6.92
CA PHE A 219 -0.05 11.63 8.25
C PHE A 219 0.58 10.28 8.22
N VAL A 220 0.97 9.79 7.06
CA VAL A 220 1.51 8.44 6.92
C VAL A 220 3.02 8.57 6.75
N ARG A 221 3.75 8.07 7.75
CA ARG A 221 5.19 8.17 7.80
C ARG A 221 5.80 6.88 8.22
N GLY A 222 6.96 6.54 7.65
CA GLY A 222 7.71 5.38 8.09
C GLY A 222 8.40 5.64 9.43
N LYS A 223 8.56 4.61 10.25
CA LYS A 223 9.24 4.79 11.51
C LYS A 223 10.72 5.14 11.32
N GLU A 224 11.30 4.66 10.23
CA GLU A 224 12.69 4.91 9.89
C GLU A 224 12.79 5.98 8.81
N LYS A 225 11.95 5.85 7.79
CA LYS A 225 12.01 6.73 6.62
C LYS A 225 10.74 6.76 5.82
N THR A 226 10.43 7.93 5.24
CA THR A 226 9.40 8.08 4.24
C THR A 226 10.06 8.57 2.96
N VAL A 227 9.74 7.89 1.88
CA VAL A 227 10.33 8.18 0.57
C VAL A 227 9.26 8.37 -0.47
N TRP A 228 9.35 9.46 -1.24
CA TRP A 228 8.47 9.70 -2.36
C TRP A 228 9.27 9.48 -3.66
N PHE A 229 8.68 8.73 -4.59
CA PHE A 229 9.23 8.60 -5.93
C PHE A 229 8.24 9.34 -6.83
N VAL A 230 8.66 10.49 -7.34
CA VAL A 230 7.79 11.40 -8.06
C VAL A 230 8.19 11.49 -9.52
N GLY A 231 7.26 11.07 -10.39
CA GLY A 231 7.46 11.11 -11.84
C GLY A 231 6.77 12.31 -12.47
N LYS A 232 7.33 12.76 -13.60
CA LYS A 232 6.81 13.87 -14.46
C LYS A 232 7.43 15.26 -14.18
C1 CIT B . -4.41 7.09 -8.43
O1 CIT B . -3.33 6.97 -9.06
O2 CIT B . -5.19 8.06 -8.65
C2 CIT B . -4.76 6.07 -7.39
C3 CIT B . -6.22 5.58 -7.50
O7 CIT B . -7.08 6.67 -7.04
C4 CIT B . -6.49 4.32 -6.67
C5 CIT B . -6.21 4.61 -5.19
O3 CIT B . -5.01 4.80 -4.83
O4 CIT B . -7.14 4.65 -4.33
C6 CIT B . -6.52 5.22 -8.97
O5 CIT B . -5.67 4.61 -9.68
O6 CIT B . -7.65 5.53 -9.44
#